data_9LKR
#
_entry.id   9LKR
#
_cell.length_a   29.910
_cell.length_b   68.370
_cell.length_c   144.500
_cell.angle_alpha   90.00
_cell.angle_beta   90.00
_cell.angle_gamma   90.00
#
_symmetry.space_group_name_H-M   'P 2 21 21'
#
loop_
_entity.id
_entity.type
_entity.pdbx_description
1 polymer 'Bromodomain-containing protein 9'
2 non-polymer 1-[1-[4-(imidazol-1-ylmethyl)-3,5-dimethoxy-phenyl]indolizin-3-yl]ethanone
3 non-polymer 'DIMETHYL SULFOXIDE'
#
_entity_poly.entity_id   1
_entity_poly.type   'polypeptide(L)'
_entity_poly.pdbx_seq_one_letter_code
;MKKGHHHHHHENLYFQGGSLKLSAENESTPIQQLLEHFLRQLQRKDPHGFFAFPVTDAIAPGYSMIIKHPMDFGTMKDKI
VANEYKSVTEFKADFKLMCDNAMTYNRPDTVYYKLAKKILHAGFKMMSKERLLALKRSMSFMQDMDFSQ
;
_entity_poly.pdbx_strand_id   A,B
#
# COMPACT_ATOMS: atom_id res chain seq x y z
N PRO A 30 -4.01 21.94 21.48
CA PRO A 30 -3.88 23.25 20.80
C PRO A 30 -4.27 23.15 19.31
N ILE A 31 -3.47 23.72 18.39
CA ILE A 31 -3.69 23.64 16.91
C ILE A 31 -3.10 22.32 16.38
N GLN A 32 -2.29 21.63 17.20
CA GLN A 32 -1.77 20.27 16.94
C GLN A 32 -2.92 19.30 16.64
N GLN A 33 -4.03 19.44 17.35
CA GLN A 33 -5.20 18.51 17.27
C GLN A 33 -5.79 18.65 15.86
N LEU A 34 -5.88 19.88 15.36
CA LEU A 34 -6.51 20.28 14.08
C LEU A 34 -5.71 19.69 12.90
N LEU A 35 -4.39 19.67 13.06
CA LEU A 35 -3.42 19.12 12.07
C LEU A 35 -3.58 17.60 12.03
N GLU A 36 -3.77 16.94 13.18
CA GLU A 36 -3.96 15.46 13.26
C GLU A 36 -5.27 15.08 12.56
N HIS A 37 -6.30 15.92 12.63
CA HIS A 37 -7.57 15.73 11.90
C HIS A 37 -7.26 15.75 10.39
N PHE A 38 -6.58 16.80 9.95
CA PHE A 38 -6.17 17.02 8.54
C PHE A 38 -5.28 15.87 8.06
N LEU A 39 -4.33 15.43 8.90
CA LEU A 39 -3.37 14.37 8.53
C LEU A 39 -4.12 13.06 8.27
N ARG A 40 -5.00 12.67 9.20
CA ARG A 40 -5.77 11.41 9.11
C ARG A 40 -6.71 11.45 7.91
N GLN A 41 -7.16 12.65 7.48
CA GLN A 41 -8.03 12.81 6.28
C GLN A 41 -7.23 12.44 5.05
N LEU A 42 -5.94 12.76 5.06
CA LEU A 42 -5.03 12.63 3.89
C LEU A 42 -4.48 11.20 3.84
N GLN A 43 -4.02 10.67 4.98
CA GLN A 43 -3.53 9.27 5.09
C GLN A 43 -4.58 8.30 4.51
N ARG A 44 -5.85 8.54 4.79
CA ARG A 44 -6.98 7.73 4.29
C ARG A 44 -7.08 7.83 2.77
N LYS A 45 -6.70 8.97 2.18
CA LYS A 45 -6.69 9.17 0.71
C LYS A 45 -5.48 8.46 0.07
N ASP A 46 -4.63 7.81 0.88
CA ASP A 46 -3.42 7.08 0.43
C ASP A 46 -3.47 5.69 1.02
N PRO A 47 -4.51 4.89 0.67
CA PRO A 47 -4.72 3.57 1.27
C PRO A 47 -3.49 2.64 1.17
N HIS A 48 -2.68 2.73 0.11
CA HIS A 48 -1.52 1.81 -0.12
C HIS A 48 -0.28 2.33 0.62
N GLY A 49 -0.36 3.52 1.22
CA GLY A 49 0.72 4.12 2.04
C GLY A 49 1.99 4.43 1.25
N PHE A 50 1.85 5.05 0.08
CA PHE A 50 3.02 5.44 -0.75
C PHE A 50 3.72 6.64 -0.12
N PHE A 51 3.00 7.41 0.70
CA PHE A 51 3.46 8.63 1.39
C PHE A 51 3.68 8.41 2.90
N ALA A 52 4.03 7.20 3.32
CA ALA A 52 3.91 6.77 4.73
C ALA A 52 5.25 6.90 5.44
N PHE A 53 6.33 6.65 4.72
CA PHE A 53 7.71 6.85 5.18
C PHE A 53 8.54 7.29 3.97
N PRO A 54 9.77 7.78 4.17
CA PRO A 54 10.62 8.20 3.07
C PRO A 54 10.88 7.17 1.97
N VAL A 55 10.94 7.66 0.73
CA VAL A 55 11.29 6.85 -0.47
C VAL A 55 12.80 6.64 -0.42
N THR A 56 13.25 5.44 -0.79
CA THR A 56 14.68 5.06 -0.77
C THR A 56 15.10 4.90 -2.21
N ASP A 57 16.40 4.93 -2.44
CA ASP A 57 16.96 4.83 -3.79
C ASP A 57 16.81 3.36 -4.23
N ALA A 58 16.70 2.47 -3.25
CA ALA A 58 16.55 1.02 -3.45
C ALA A 58 15.34 0.77 -4.32
N ILE A 59 14.20 1.36 -3.95
CA ILE A 59 12.92 1.26 -4.71
C ILE A 59 12.80 2.40 -5.73
N ALA A 60 13.50 3.53 -5.57
CA ALA A 60 13.41 4.69 -6.50
C ALA A 60 14.81 5.12 -6.90
N PRO A 61 15.38 4.57 -7.98
CA PRO A 61 16.73 4.92 -8.40
C PRO A 61 16.97 6.43 -8.39
N GLY A 62 18.04 6.89 -7.74
CA GLY A 62 18.54 8.27 -7.85
C GLY A 62 17.61 9.29 -7.21
N TYR A 63 16.67 8.82 -6.38
CA TYR A 63 15.66 9.69 -5.76
C TYR A 63 16.40 10.77 -4.96
N SER A 64 17.49 10.36 -4.29
CA SER A 64 18.15 11.23 -3.27
C SER A 64 18.87 12.39 -3.97
N MET A 65 19.28 12.18 -5.23
CA MET A 65 19.99 13.16 -6.07
C MET A 65 18.99 14.19 -6.60
N ILE A 66 17.81 13.75 -7.04
CA ILE A 66 16.77 14.59 -7.72
C ILE A 66 15.93 15.35 -6.67
N ILE A 67 15.56 14.73 -5.56
CA ILE A 67 14.73 15.35 -4.49
C ILE A 67 15.65 15.60 -3.29
N LYS A 68 15.98 16.85 -3.04
CA LYS A 68 16.90 17.24 -1.94
C LYS A 68 16.06 17.71 -0.76
N HIS A 69 14.73 17.82 -0.93
CA HIS A 69 13.78 18.14 0.18
C HIS A 69 12.68 17.10 0.28
N PRO A 70 13.02 15.85 0.70
CA PRO A 70 12.06 14.76 0.81
C PRO A 70 11.11 15.04 1.97
N MET A 71 9.89 14.55 1.85
CA MET A 71 8.79 14.78 2.83
C MET A 71 7.81 13.61 2.72
N ASP A 72 7.15 13.26 3.81
CA ASP A 72 6.22 12.11 3.89
C ASP A 72 5.36 12.33 5.12
N PHE A 73 4.16 11.75 5.14
CA PHE A 73 3.26 11.70 6.31
C PHE A 73 4.01 11.20 7.54
N GLY A 74 4.89 10.20 7.39
CA GLY A 74 5.71 9.70 8.52
C GLY A 74 6.48 10.82 9.22
N THR A 75 7.16 11.66 8.43
CA THR A 75 7.92 12.86 8.87
C THR A 75 6.95 13.91 9.40
N MET A 76 5.80 14.10 8.77
CA MET A 76 4.80 15.12 9.19
C MET A 76 4.11 14.70 10.50
N LYS A 77 4.14 13.42 10.86
CA LYS A 77 3.53 12.89 12.11
C LYS A 77 4.42 13.33 13.28
N ASP A 78 5.71 13.05 13.16
CA ASP A 78 6.76 13.40 14.15
C ASP A 78 6.75 14.92 14.43
N LYS A 79 6.52 15.73 13.39
CA LYS A 79 6.59 17.21 13.48
C LYS A 79 5.31 17.75 14.10
N ILE A 80 4.27 16.93 14.29
CA ILE A 80 3.11 17.31 15.14
C ILE A 80 3.38 16.82 16.57
N VAL A 81 4.00 15.64 16.72
CA VAL A 81 4.39 15.05 18.04
C VAL A 81 5.30 16.04 18.77
N ALA A 82 6.17 16.77 18.04
CA ALA A 82 7.15 17.73 18.60
C ALA A 82 6.69 19.19 18.39
N ASN A 83 5.39 19.40 18.13
CA ASN A 83 4.75 20.71 17.86
C ASN A 83 5.71 21.65 17.10
N GLU A 84 6.31 21.17 16.01
CA GLU A 84 7.23 21.98 15.16
C GLU A 84 6.43 22.69 14.06
N TYR A 85 5.09 22.55 14.04
CA TYR A 85 4.21 23.29 13.12
C TYR A 85 3.60 24.44 13.92
N LYS A 86 3.90 25.69 13.53
CA LYS A 86 3.24 26.89 14.11
C LYS A 86 1.89 27.02 13.40
N SER A 87 1.86 27.57 12.18
CA SER A 87 0.60 27.76 11.43
C SER A 87 0.14 26.47 10.74
N VAL A 88 -1.06 26.53 10.17
CA VAL A 88 -1.59 25.58 9.15
C VAL A 88 -0.70 25.67 7.92
N THR A 89 -0.45 26.90 7.46
CA THR A 89 0.33 27.23 6.25
C THR A 89 1.69 26.55 6.29
N GLU A 90 2.28 26.30 7.46
CA GLU A 90 3.58 25.56 7.55
C GLU A 90 3.32 24.08 7.23
N PHE A 91 2.18 23.56 7.67
CA PHE A 91 1.77 22.14 7.48
C PHE A 91 1.54 21.89 5.99
N LYS A 92 0.76 22.76 5.35
CA LYS A 92 0.37 22.57 3.94
C LYS A 92 1.59 22.84 3.04
N ALA A 93 2.57 23.60 3.53
CA ALA A 93 3.82 23.84 2.79
C ALA A 93 4.53 22.51 2.62
N ASP A 94 4.70 21.77 3.72
CA ASP A 94 5.31 20.40 3.70
C ASP A 94 4.47 19.47 2.83
N PHE A 95 3.15 19.47 3.06
CA PHE A 95 2.19 18.66 2.29
C PHE A 95 2.39 18.88 0.79
N LYS A 96 2.35 20.13 0.34
CA LYS A 96 2.67 20.52 -1.06
C LYS A 96 4.07 20.04 -1.47
N LEU A 97 5.06 20.13 -0.60
CA LEU A 97 6.45 19.74 -0.99
C LEU A 97 6.45 18.23 -1.30
N MET A 98 5.79 17.43 -0.47
CA MET A 98 5.56 15.98 -0.65
C MET A 98 4.95 15.70 -2.03
N CYS A 99 3.94 16.45 -2.42
CA CYS A 99 3.21 16.18 -3.69
C CYS A 99 4.05 16.68 -4.85
N ASP A 100 4.77 17.79 -4.66
CA ASP A 100 5.62 18.38 -5.74
C ASP A 100 6.78 17.44 -5.98
N ASN A 101 7.31 16.84 -4.92
CA ASN A 101 8.43 15.87 -5.03
C ASN A 101 7.97 14.70 -5.91
N ALA A 102 6.78 14.21 -5.62
CA ALA A 102 6.14 13.07 -6.31
C ALA A 102 5.92 13.43 -7.77
N MET A 103 5.44 14.66 -8.04
CA MET A 103 5.14 15.09 -9.43
C MET A 103 6.43 15.50 -10.18
N THR A 104 7.55 15.64 -9.47
CA THR A 104 8.86 16.03 -10.04
C THR A 104 9.68 14.77 -10.35
N TYR A 105 9.72 13.81 -9.44
CA TYR A 105 10.50 12.56 -9.65
C TYR A 105 9.80 11.60 -10.62
N ASN A 106 8.50 11.37 -10.49
CA ASN A 106 7.74 10.37 -11.28
C ASN A 106 7.09 10.98 -12.54
N ARG A 107 7.03 10.21 -13.62
CA ARG A 107 6.35 10.57 -14.87
C ARG A 107 4.86 10.65 -14.67
N PRO A 108 4.13 11.45 -15.49
CA PRO A 108 2.67 11.57 -15.37
C PRO A 108 1.96 10.21 -15.49
N ASP A 109 2.60 9.24 -16.16
CA ASP A 109 2.01 7.91 -16.49
C ASP A 109 1.82 7.06 -15.23
N THR A 110 2.48 7.42 -14.13
CA THR A 110 2.69 6.53 -12.97
C THR A 110 1.59 6.71 -11.93
N VAL A 111 1.39 5.71 -11.10
CA VAL A 111 0.48 5.68 -9.92
C VAL A 111 0.86 6.79 -8.93
N TYR A 112 2.15 6.99 -8.68
CA TYR A 112 2.66 7.93 -7.64
C TYR A 112 2.35 9.36 -8.07
N TYR A 113 2.50 9.64 -9.36
CA TYR A 113 2.20 10.99 -9.90
C TYR A 113 0.70 11.27 -9.77
N LYS A 114 -0.12 10.32 -10.22
CA LYS A 114 -1.59 10.50 -10.34
C LYS A 114 -2.14 10.72 -8.94
N LEU A 115 -1.66 9.94 -7.97
CA LEU A 115 -2.14 10.05 -6.58
C LEU A 115 -1.69 11.37 -5.97
N ALA A 116 -0.51 11.86 -6.35
CA ALA A 116 0.06 13.12 -5.82
C ALA A 116 -0.84 14.28 -6.21
N LYS A 117 -1.14 14.40 -7.49
CA LYS A 117 -2.03 15.46 -8.03
C LYS A 117 -3.41 15.42 -7.37
N LYS A 118 -3.93 14.22 -7.08
CA LYS A 118 -5.31 14.06 -6.54
C LYS A 118 -5.29 14.61 -5.13
N ILE A 119 -4.38 14.05 -4.33
CA ILE A 119 -4.18 14.42 -2.90
C ILE A 119 -3.85 15.90 -2.78
N LEU A 120 -2.98 16.45 -3.64
CA LEU A 120 -2.62 17.90 -3.59
C LEU A 120 -3.89 18.76 -3.72
N HIS A 121 -4.64 18.60 -4.81
CA HIS A 121 -5.88 19.38 -5.10
C HIS A 121 -6.93 19.16 -3.99
N ALA A 122 -6.95 17.99 -3.37
CA ALA A 122 -7.93 17.60 -2.32
C ALA A 122 -7.61 18.31 -1.01
N GLY A 123 -6.35 18.21 -0.56
CA GLY A 123 -5.85 18.83 0.69
C GLY A 123 -5.97 20.35 0.66
N PHE A 124 -5.75 20.96 -0.51
CA PHE A 124 -5.83 22.43 -0.71
C PHE A 124 -7.27 22.90 -0.55
N LYS A 125 -8.24 22.13 -1.04
CA LYS A 125 -9.68 22.43 -0.84
C LYS A 125 -10.06 22.08 0.60
N MET A 126 -9.45 21.06 1.21
CA MET A 126 -9.74 20.66 2.61
C MET A 126 -9.26 21.73 3.59
N MET A 127 -8.06 22.26 3.41
CA MET A 127 -7.40 23.16 4.40
C MET A 127 -7.47 24.62 3.91
N SER A 128 -8.49 24.97 3.12
CA SER A 128 -8.61 26.26 2.40
C SER A 128 -8.95 27.40 3.37
N LYS A 129 -8.90 28.63 2.86
CA LYS A 129 -9.27 29.88 3.58
C LYS A 129 -10.69 29.75 4.17
N GLU A 130 -11.68 29.38 3.35
CA GLU A 130 -13.11 29.38 3.72
C GLU A 130 -13.42 28.20 4.66
N ARG A 131 -12.95 26.99 4.33
CA ARG A 131 -13.30 25.76 5.09
C ARG A 131 -12.62 25.79 6.47
N LEU A 132 -11.55 26.58 6.62
CA LEU A 132 -10.84 26.77 7.92
C LEU A 132 -11.77 27.46 8.95
N LEU A 133 -12.84 28.13 8.50
CA LEU A 133 -13.75 28.92 9.36
C LEU A 133 -14.72 28.01 10.14
N ALA A 134 -14.81 26.70 9.83
CA ALA A 134 -15.82 25.78 10.42
C ALA A 134 -15.73 25.81 11.95
N PRO B 30 -21.44 -21.50 8.09
CA PRO B 30 -20.11 -20.88 8.28
C PRO B 30 -19.14 -21.76 9.09
N ILE B 31 -18.82 -22.98 8.61
CA ILE B 31 -17.89 -23.92 9.31
C ILE B 31 -16.45 -23.60 8.84
N GLN B 32 -16.30 -22.92 7.71
CA GLN B 32 -15.02 -22.82 6.94
C GLN B 32 -14.24 -21.56 7.36
N GLN B 33 -14.68 -20.85 8.42
CA GLN B 33 -14.12 -19.51 8.76
C GLN B 33 -12.67 -19.62 9.20
N LEU B 34 -12.08 -20.83 9.24
CA LEU B 34 -10.62 -20.99 9.49
C LEU B 34 -9.85 -20.46 8.27
N LEU B 35 -10.47 -20.36 7.09
CA LEU B 35 -9.87 -19.72 5.89
C LEU B 35 -9.75 -18.22 6.14
N GLU B 36 -10.80 -17.60 6.70
CA GLU B 36 -10.83 -16.15 7.03
C GLU B 36 -9.79 -15.84 8.11
N HIS B 37 -9.54 -16.77 9.04
CA HIS B 37 -8.45 -16.65 10.04
C HIS B 37 -7.12 -16.56 9.29
N PHE B 38 -6.87 -17.55 8.43
CA PHE B 38 -5.65 -17.65 7.59
C PHE B 38 -5.51 -16.41 6.70
N LEU B 39 -6.60 -15.96 6.07
CA LEU B 39 -6.61 -14.83 5.11
C LEU B 39 -6.15 -13.57 5.84
N ARG B 40 -6.78 -13.27 6.98
CA ARG B 40 -6.51 -11.99 7.68
C ARG B 40 -5.13 -12.04 8.31
N GLN B 41 -4.56 -13.22 8.59
CA GLN B 41 -3.13 -13.35 9.02
C GLN B 41 -2.21 -12.86 7.90
N LEU B 42 -2.57 -13.16 6.66
CA LEU B 42 -1.72 -12.91 5.46
C LEU B 42 -1.92 -11.45 4.99
N GLN B 43 -3.17 -10.98 4.89
CA GLN B 43 -3.50 -9.59 4.51
C GLN B 43 -2.71 -8.61 5.38
N ARG B 44 -2.59 -8.91 6.67
CA ARG B 44 -1.89 -8.03 7.65
C ARG B 44 -0.38 -8.04 7.33
N LYS B 45 0.14 -9.13 6.75
CA LYS B 45 1.56 -9.22 6.33
C LYS B 45 1.79 -8.40 5.04
N ASP B 46 0.74 -7.78 4.47
CA ASP B 46 0.78 -7.02 3.20
C ASP B 46 0.17 -5.64 3.44
N PRO B 47 0.71 -4.86 4.40
CA PRO B 47 0.11 -3.58 4.79
C PRO B 47 -0.16 -2.60 3.63
N HIS B 48 0.69 -2.58 2.58
CA HIS B 48 0.52 -1.64 1.44
C HIS B 48 -0.52 -2.17 0.43
N GLY B 49 -0.98 -3.43 0.61
CA GLY B 49 -2.09 -4.02 -0.15
C GLY B 49 -1.73 -4.29 -1.60
N PHE B 50 -0.56 -4.86 -1.84
CA PHE B 50 -0.08 -5.16 -3.21
C PHE B 50 -0.83 -6.38 -3.75
N PHE B 51 -1.41 -7.19 -2.87
CA PHE B 51 -2.13 -8.45 -3.22
C PHE B 51 -3.64 -8.28 -3.01
N ALA B 52 -4.17 -7.07 -3.09
CA ALA B 52 -5.51 -6.72 -2.58
C ALA B 52 -6.52 -6.76 -3.72
N PHE B 53 -6.09 -6.43 -4.93
CA PHE B 53 -6.89 -6.61 -6.16
C PHE B 53 -5.95 -6.97 -7.32
N PRO B 54 -6.47 -7.39 -8.47
CA PRO B 54 -5.63 -7.74 -9.63
C PRO B 54 -4.61 -6.71 -10.10
N VAL B 55 -3.42 -7.20 -10.48
CA VAL B 55 -2.34 -6.39 -11.11
C VAL B 55 -2.74 -6.14 -12.55
N THR B 56 -2.52 -4.92 -13.05
CA THR B 56 -2.95 -4.51 -14.41
C THR B 56 -1.69 -4.32 -15.23
N ASP B 57 -1.82 -4.31 -16.53
CA ASP B 57 -0.65 -4.18 -17.43
C ASP B 57 -0.20 -2.72 -17.36
N ALA B 58 -1.11 -1.82 -16.99
CA ALA B 58 -0.83 -0.37 -16.82
C ALA B 58 0.32 -0.20 -15.80
N ILE B 59 0.16 -0.84 -14.64
CA ILE B 59 1.10 -0.91 -13.48
C ILE B 59 2.23 -1.91 -13.74
N ALA B 60 1.95 -3.00 -14.46
CA ALA B 60 2.89 -4.11 -14.66
C ALA B 60 2.92 -4.47 -16.14
N PRO B 61 3.82 -3.86 -16.92
CA PRO B 61 3.90 -4.14 -18.35
C PRO B 61 3.90 -5.65 -18.63
N GLY B 62 3.06 -6.10 -19.55
CA GLY B 62 3.09 -7.48 -20.08
C GLY B 62 2.67 -8.51 -19.04
N TYR B 63 2.03 -8.06 -17.96
CA TYR B 63 1.65 -8.97 -16.84
C TYR B 63 0.74 -10.05 -17.41
N SER B 64 -0.17 -9.66 -18.30
CA SER B 64 -1.28 -10.53 -18.80
C SER B 64 -0.71 -11.62 -19.70
N MET B 65 0.42 -11.34 -20.38
CA MET B 65 1.10 -12.27 -21.30
C MET B 65 1.86 -13.32 -20.49
N ILE B 66 2.52 -12.91 -19.39
CA ILE B 66 3.40 -13.79 -18.56
C ILE B 66 2.57 -14.60 -17.55
N ILE B 67 1.59 -13.99 -16.90
CA ILE B 67 0.75 -14.64 -15.86
C ILE B 67 -0.63 -14.88 -16.47
N LYS B 68 -0.96 -16.13 -16.76
CA LYS B 68 -2.26 -16.46 -17.40
C LYS B 68 -3.23 -16.92 -16.31
N HIS B 69 -2.75 -17.10 -15.07
CA HIS B 69 -3.60 -17.49 -13.91
C HIS B 69 -3.43 -16.54 -12.74
N PRO B 70 -3.95 -15.30 -12.88
CA PRO B 70 -3.78 -14.25 -11.89
C PRO B 70 -4.64 -14.61 -10.67
N MET B 71 -4.20 -14.17 -9.49
CA MET B 71 -4.88 -14.45 -8.21
C MET B 71 -4.52 -13.32 -7.25
N ASP B 72 -5.42 -12.99 -6.34
CA ASP B 72 -5.26 -11.87 -5.38
C ASP B 72 -6.22 -12.12 -4.23
N PHE B 73 -5.92 -11.58 -3.05
CA PHE B 73 -6.80 -11.57 -1.86
C PHE B 73 -8.20 -11.07 -2.26
N GLY B 74 -8.31 -10.06 -3.12
CA GLY B 74 -9.63 -9.55 -3.58
C GLY B 74 -10.49 -10.67 -4.17
N THR B 75 -9.91 -11.47 -5.07
CA THR B 75 -10.51 -12.66 -5.72
C THR B 75 -10.75 -13.76 -4.68
N MET B 76 -9.80 -13.98 -3.76
CA MET B 76 -9.91 -15.03 -2.71
C MET B 76 -10.97 -14.66 -1.66
N LYS B 77 -11.33 -13.38 -1.56
CA LYS B 77 -12.35 -12.90 -0.58
C LYS B 77 -13.73 -13.33 -1.09
N ASP B 78 -14.00 -13.02 -2.36
CA ASP B 78 -15.26 -13.37 -3.06
C ASP B 78 -15.49 -14.88 -3.02
N LYS B 79 -14.42 -15.68 -3.13
CA LYS B 79 -14.49 -17.17 -3.18
C LYS B 79 -14.70 -17.73 -1.78
N ILE B 80 -14.60 -16.92 -0.72
CA ILE B 80 -15.05 -17.32 0.64
C ILE B 80 -16.50 -16.85 0.81
N VAL B 81 -16.84 -15.67 0.28
CA VAL B 81 -18.22 -15.10 0.32
C VAL B 81 -19.18 -16.08 -0.37
N ALA B 82 -18.74 -16.80 -1.41
CA ALA B 82 -19.56 -17.76 -2.18
C ALA B 82 -19.21 -19.21 -1.81
N ASN B 83 -18.55 -19.42 -0.67
CA ASN B 83 -18.06 -20.73 -0.14
C ASN B 83 -17.61 -21.66 -1.29
N GLU B 84 -16.78 -21.16 -2.20
CA GLU B 84 -16.26 -21.92 -3.37
C GLU B 84 -14.97 -22.67 -3.01
N TYR B 85 -14.51 -22.59 -1.76
CA TYR B 85 -13.36 -23.40 -1.25
C TYR B 85 -13.93 -24.59 -0.49
N LYS B 86 -13.66 -25.82 -0.94
CA LYS B 86 -14.00 -27.04 -0.16
C LYS B 86 -12.90 -27.22 0.90
N SER B 87 -11.74 -27.76 0.54
CA SER B 87 -10.66 -28.05 1.51
C SER B 87 -9.84 -26.78 1.82
N VAL B 88 -8.94 -26.90 2.79
CA VAL B 88 -7.80 -25.98 3.06
C VAL B 88 -6.90 -25.98 1.83
N THR B 89 -6.55 -27.19 1.35
CA THR B 89 -5.60 -27.42 0.24
C THR B 89 -6.03 -26.63 -0.99
N GLU B 90 -7.34 -26.37 -1.18
CA GLU B 90 -7.86 -25.55 -2.29
C GLU B 90 -7.45 -24.09 -2.07
N PHE B 91 -7.52 -23.65 -0.81
CA PHE B 91 -7.18 -22.26 -0.40
C PHE B 91 -5.69 -22.01 -0.60
N LYS B 92 -4.86 -22.91 -0.08
CA LYS B 92 -3.38 -22.88 -0.20
C LYS B 92 -2.94 -22.93 -1.67
N ALA B 93 -3.72 -23.59 -2.52
CA ALA B 93 -3.43 -23.75 -3.95
C ALA B 93 -3.48 -22.36 -4.58
N ASP B 94 -4.56 -21.62 -4.32
CA ASP B 94 -4.72 -20.22 -4.79
C ASP B 94 -3.61 -19.32 -4.20
N PHE B 95 -3.42 -19.45 -2.88
CA PHE B 95 -2.39 -18.72 -2.12
C PHE B 95 -1.03 -18.89 -2.80
N LYS B 96 -0.60 -20.15 -3.00
CA LYS B 96 0.64 -20.51 -3.74
C LYS B 96 0.62 -19.87 -5.15
N LEU B 97 -0.50 -19.91 -5.85
CA LEU B 97 -0.53 -19.40 -7.24
C LEU B 97 -0.24 -17.89 -7.21
N MET B 98 -0.86 -17.16 -6.28
CA MET B 98 -0.63 -15.70 -6.04
C MET B 98 0.87 -15.43 -5.81
N CYS B 99 1.52 -16.24 -4.99
CA CYS B 99 2.94 -16.01 -4.63
C CYS B 99 3.83 -16.44 -5.79
N ASP B 100 3.45 -17.50 -6.50
CA ASP B 100 4.30 -18.07 -7.58
C ASP B 100 4.20 -17.09 -8.75
N ASN B 101 3.04 -16.46 -8.93
CA ASN B 101 2.86 -15.42 -9.98
C ASN B 101 3.84 -14.30 -9.70
N ALA B 102 3.87 -13.87 -8.44
CA ALA B 102 4.71 -12.76 -7.96
C ALA B 102 6.18 -13.13 -8.16
N MET B 103 6.54 -14.38 -7.89
CA MET B 103 7.95 -14.83 -7.98
C MET B 103 8.29 -15.25 -9.41
N THR B 104 7.32 -15.25 -10.32
CA THR B 104 7.52 -15.54 -11.77
C THR B 104 7.66 -14.22 -12.53
N TYR B 105 6.78 -13.25 -12.28
CA TYR B 105 6.75 -11.98 -13.03
C TYR B 105 7.88 -11.01 -12.59
N ASN B 106 8.10 -10.84 -11.28
CA ASN B 106 9.02 -9.81 -10.72
C ASN B 106 10.44 -10.35 -10.52
N ARG B 107 11.47 -9.50 -10.66
CA ARG B 107 12.87 -9.87 -10.35
C ARG B 107 13.04 -10.03 -8.84
N PRO B 108 14.01 -10.87 -8.39
CA PRO B 108 14.26 -11.06 -6.95
C PRO B 108 14.51 -9.75 -6.20
N ASP B 109 15.01 -8.74 -6.89
CA ASP B 109 15.48 -7.44 -6.34
C ASP B 109 14.30 -6.62 -5.81
N THR B 110 13.09 -6.93 -6.24
CA THR B 110 11.91 -6.04 -6.14
C THR B 110 11.14 -6.30 -4.84
N VAL B 111 10.38 -5.30 -4.39
CA VAL B 111 9.60 -5.37 -3.12
C VAL B 111 8.47 -6.39 -3.27
N TYR B 112 7.84 -6.49 -4.44
CA TYR B 112 6.72 -7.43 -4.69
C TYR B 112 7.22 -8.88 -4.60
N TYR B 113 8.41 -9.16 -5.11
CA TYR B 113 9.02 -10.50 -5.05
C TYR B 113 9.32 -10.85 -3.60
N LYS B 114 9.99 -9.94 -2.90
CA LYS B 114 10.52 -10.21 -1.53
C LYS B 114 9.33 -10.42 -0.60
N LEU B 115 8.26 -9.66 -0.78
CA LEU B 115 7.04 -9.78 0.06
C LEU B 115 6.34 -11.09 -0.29
N ALA B 116 6.41 -11.54 -1.54
CA ALA B 116 5.76 -12.79 -1.99
C ALA B 116 6.43 -13.96 -1.28
N LYS B 117 7.77 -14.02 -1.31
CA LYS B 117 8.56 -15.09 -0.65
C LYS B 117 8.35 -15.06 0.86
N LYS B 118 8.09 -13.90 1.46
CA LYS B 118 7.91 -13.79 2.94
C LYS B 118 6.57 -14.45 3.24
N ILE B 119 5.54 -13.96 2.56
CA ILE B 119 4.14 -14.46 2.70
C ILE B 119 4.07 -15.96 2.36
N LEU B 120 4.74 -16.41 1.30
CA LEU B 120 4.81 -17.85 0.93
C LEU B 120 5.35 -18.69 2.11
N HIS B 121 6.56 -18.41 2.62
CA HIS B 121 7.22 -19.15 3.74
C HIS B 121 6.35 -19.06 5.01
N ALA B 122 5.60 -17.98 5.20
CA ALA B 122 4.75 -17.73 6.38
C ALA B 122 3.52 -18.62 6.33
N GLY B 123 2.80 -18.57 5.21
CA GLY B 123 1.57 -19.36 4.97
C GLY B 123 1.84 -20.86 4.98
N PHE B 124 3.00 -21.30 4.49
CA PHE B 124 3.43 -22.72 4.44
C PHE B 124 3.64 -23.23 5.87
N LYS B 125 4.23 -22.43 6.76
CA LYS B 125 4.37 -22.81 8.19
C LYS B 125 2.99 -22.67 8.88
N MET B 126 2.16 -21.71 8.47
CA MET B 126 0.82 -21.47 9.09
C MET B 126 -0.12 -22.64 8.75
N MET B 127 -0.16 -23.08 7.49
CA MET B 127 -1.18 -24.04 6.98
C MET B 127 -0.49 -25.39 6.73
N SER B 128 0.53 -25.73 7.55
CA SER B 128 1.42 -26.91 7.36
C SER B 128 0.69 -28.21 7.72
N LYS B 129 1.34 -29.34 7.42
CA LYS B 129 0.87 -30.71 7.76
C LYS B 129 0.58 -30.83 9.26
N GLU B 130 1.53 -30.45 10.12
CA GLU B 130 1.47 -30.64 11.60
C GLU B 130 0.47 -29.65 12.22
N ARG B 131 0.54 -28.37 11.84
CA ARG B 131 -0.30 -27.30 12.47
C ARG B 131 -1.75 -27.48 12.05
N LEU B 132 -2.02 -28.18 10.96
CA LEU B 132 -3.39 -28.50 10.48
C LEU B 132 -4.12 -29.42 11.48
N LEU B 133 -3.38 -30.10 12.37
CA LEU B 133 -3.99 -30.98 13.42
C LEU B 133 -4.96 -30.14 14.29
N ALA B 134 -4.56 -28.94 14.69
CA ALA B 134 -5.33 -28.04 15.58
C ALA B 134 -6.71 -27.76 14.98
#